data_5SM8
#
_entry.id   5SM8
#
_cell.length_a   67.586
_cell.length_b   68.023
_cell.length_c   138.519
_cell.angle_alpha   90.000
_cell.angle_beta   90.000
_cell.angle_gamma   90.000
#
_symmetry.space_group_name_H-M   'P 21 21 21'
#
loop_
_entity.id
_entity.type
_entity.pdbx_description
1 polymer 'Proofreading exoribonuclease nsp14'
2 non-polymer 'ZINC ION'
3 non-polymer 'PHOSPHATE ION'
4 non-polymer N-(2,1,3-benzoxadiazol-4-yl)acetamide
5 water water
#
_entity_poly.entity_id   1
_entity_poly.type   'polypeptide(L)'
_entity_poly.pdbx_seq_one_letter_code
;SMLFKDCSKVITGLHPTQAPTHLSVDTKFKTEGLCVDIPGIPKDMTYRRLISMMGFKMNYQVNGYPNMFITREEAIRHVR
AWIGFDVEGCHATREAVGTNLPLQLGFSTGVNLVAVPTGYVDTPNNTDFSRVSAKPPPGDQFKHLIPLMYKGLPWNVVRI
KIVQMLSDTLKNLSDRVVFVLWAHGFELTSMKYFVKIGPERTCCLCDRRATCFSTASDTYACWHHSIGFDYVYNPFMIDV
QQWGFTGNLQSNHDLYCQVHGNAHVASCDAIMTRCLAVHECFVKRVDWTIEYPIIGDELKINAACRKVQHMVVKAALLAD
KFPVLHDIGNPKAIKCVPQADVEWKFYDAQPCSDKAYKIEELFYSYATHSDKFTDGVCLFWNCNVDRYPANSIVCRFDTR
VLSNLNLPGCDGGSLYVNKHAFHTPAFDKSAFVNLKQLPFFYYSDSPCESHGKQVVSDIDYVPLKSATCITRCNLGGAVC
RHHANEYRLYLDAYNMMISAGFSLWVYKQFDTYNLWNTFTRLQ
;
_entity_poly.pdbx_strand_id   D
#
loop_
_chem_comp.id
_chem_comp.type
_chem_comp.name
_chem_comp.formula
PO4 non-polymer 'PHOSPHATE ION' 'O4 P -3'
WKA non-polymer N-(2,1,3-benzoxadiazol-4-yl)acetamide 'C8 H7 N3 O2'
ZN non-polymer 'ZINC ION' 'Zn 2'
#
# COMPACT_ATOMS: atom_id res chain seq x y z
N PRO A 20 -7.31 19.48 19.42
CA PRO A 20 -6.39 19.45 18.25
C PRO A 20 -6.40 18.11 17.49
N THR A 21 -7.55 17.43 17.40
CA THR A 21 -7.76 16.20 16.59
C THR A 21 -8.21 16.61 15.19
N HIS A 22 -9.41 17.22 15.06
CA HIS A 22 -10.06 17.53 13.75
C HIS A 22 -9.60 18.90 13.24
N LEU A 23 -9.70 19.13 11.93
CA LEU A 23 -9.44 20.43 11.30
C LEU A 23 -10.59 21.39 11.63
N SER A 24 -10.30 22.45 12.41
CA SER A 24 -11.28 23.54 12.74
C SER A 24 -11.80 24.07 11.42
N VAL A 25 -13.10 24.22 11.29
CA VAL A 25 -13.70 24.90 10.10
C VAL A 25 -13.33 26.38 10.11
N ASP A 26 -12.80 26.92 11.24
CA ASP A 26 -12.44 28.36 11.33
C ASP A 26 -10.97 28.56 10.90
N THR A 27 -10.28 27.49 10.54
CA THR A 27 -8.93 27.52 9.92
C THR A 27 -9.00 28.25 8.58
N LYS A 28 -7.92 28.94 8.21
CA LYS A 28 -7.88 29.75 6.98
C LYS A 28 -7.55 28.83 5.80
N PHE A 29 -8.22 29.07 4.70
CA PHE A 29 -7.95 28.38 3.43
C PHE A 29 -7.39 29.38 2.43
N LYS A 30 -6.20 29.11 1.88
CA LYS A 30 -5.58 29.96 0.86
C LYS A 30 -6.31 29.74 -0.46
N THR A 31 -6.78 30.80 -1.10
CA THR A 31 -7.76 30.76 -2.23
C THR A 31 -7.08 31.08 -3.54
N GLU A 32 -5.76 31.31 -3.52
CA GLU A 32 -5.04 31.76 -4.73
C GLU A 32 -5.17 30.71 -5.84
N GLY A 33 -4.99 29.43 -5.49
CA GLY A 33 -5.26 28.27 -6.36
C GLY A 33 -6.64 28.31 -7.00
N LEU A 34 -7.64 28.95 -6.38
CA LEU A 34 -9.07 28.90 -6.85
C LEU A 34 -9.41 30.04 -7.83
N CYS A 35 -8.61 31.07 -7.91
CA CYS A 35 -9.13 32.38 -8.40
C CYS A 35 -9.17 32.44 -9.92
N VAL A 36 -8.75 31.40 -10.63
CA VAL A 36 -8.91 31.38 -12.12
C VAL A 36 -10.26 30.72 -12.47
N ASP A 37 -10.63 29.61 -11.83
CA ASP A 37 -12.00 29.08 -12.02
C ASP A 37 -12.98 30.00 -11.30
N ILE A 38 -12.57 30.62 -10.19
CA ILE A 38 -13.48 31.47 -9.37
C ILE A 38 -12.91 32.89 -9.23
N PRO A 39 -12.98 33.70 -10.29
CA PRO A 39 -12.48 35.08 -10.23
C PRO A 39 -13.22 35.93 -9.19
N GLY A 40 -12.46 36.62 -8.33
CA GLY A 40 -12.97 37.56 -7.33
C GLY A 40 -12.97 36.93 -5.96
N ILE A 41 -12.51 35.70 -5.86
CA ILE A 41 -12.68 34.95 -4.58
C ILE A 41 -11.97 35.75 -3.49
N PRO A 42 -12.61 35.93 -2.32
CA PRO A 42 -11.97 36.62 -1.19
C PRO A 42 -10.63 35.96 -0.87
N LYS A 43 -9.61 36.74 -0.56
CA LYS A 43 -8.30 36.22 -0.08
C LYS A 43 -8.49 35.68 1.34
N ASP A 44 -9.35 36.32 2.13
CA ASP A 44 -9.69 35.89 3.51
C ASP A 44 -10.84 34.89 3.38
N MET A 45 -10.59 33.63 3.72
CA MET A 45 -11.56 32.51 3.55
C MET A 45 -11.32 31.45 4.64
N THR A 46 -12.38 30.96 5.28
CA THR A 46 -12.35 29.80 6.23
C THR A 46 -12.86 28.54 5.53
N TYR A 47 -12.65 27.38 6.13
CA TYR A 47 -13.33 26.15 5.66
C TYR A 47 -14.84 26.41 5.73
N ARG A 48 -15.28 26.94 6.87
CA ARG A 48 -16.71 27.27 7.13
C ARG A 48 -17.29 28.00 5.92
N ARG A 49 -16.64 29.05 5.46
CA ARG A 49 -17.18 29.88 4.35
C ARG A 49 -16.97 29.14 3.01
N LEU A 50 -15.91 28.37 2.88
CA LEU A 50 -15.70 27.56 1.64
C LEU A 50 -16.77 26.46 1.55
N ILE A 51 -16.95 25.69 2.63
CA ILE A 51 -17.97 24.59 2.61
C ILE A 51 -19.30 25.24 2.20
N SER A 52 -19.62 26.39 2.79
CA SER A 52 -20.88 27.13 2.50
C SER A 52 -20.96 27.52 1.02
N MET A 53 -19.89 28.07 0.50
CA MET A 53 -19.80 28.47 -0.91
C MET A 53 -19.98 27.23 -1.78
N MET A 54 -19.54 26.05 -1.33
CA MET A 54 -19.60 24.81 -2.15
C MET A 54 -21.03 24.27 -2.19
N GLY A 55 -21.93 24.84 -1.39
CA GLY A 55 -23.39 24.56 -1.46
C GLY A 55 -23.90 23.67 -0.34
N PHE A 56 -23.13 23.44 0.72
CA PHE A 56 -23.42 22.50 1.82
C PHE A 56 -23.69 23.32 3.07
N LYS A 57 -24.47 22.82 4.01
CA LYS A 57 -24.71 23.50 5.31
C LYS A 57 -24.35 22.56 6.44
N MET A 58 -23.51 23.00 7.37
CA MET A 58 -23.00 22.16 8.49
C MET A 58 -23.91 22.27 9.74
N ASN A 59 -24.85 23.22 9.77
CA ASN A 59 -25.92 23.38 10.81
C ASN A 59 -25.38 23.28 12.24
N TYR A 60 -24.26 23.97 12.54
CA TYR A 60 -23.52 23.89 13.83
C TYR A 60 -23.74 22.51 14.45
N GLN A 61 -23.33 21.45 13.75
CA GLN A 61 -23.72 20.05 14.06
C GLN A 61 -22.59 19.35 14.84
N VAL A 62 -22.89 18.85 16.04
CA VAL A 62 -21.99 17.95 16.81
C VAL A 62 -22.43 16.50 16.60
N ASN A 63 -22.18 15.94 15.41
CA ASN A 63 -22.57 14.54 15.07
C ASN A 63 -21.44 13.85 14.30
N GLY A 64 -20.20 13.97 14.76
CA GLY A 64 -19.04 13.17 14.30
C GLY A 64 -18.56 13.51 12.89
N TYR A 65 -19.08 14.58 12.26
CA TYR A 65 -18.62 15.08 10.95
C TYR A 65 -18.32 16.58 11.05
N PRO A 66 -17.32 17.01 11.86
CA PRO A 66 -17.16 18.43 12.16
C PRO A 66 -16.78 19.25 10.93
N ASN A 67 -16.13 18.62 9.94
CA ASN A 67 -15.54 19.31 8.76
C ASN A 67 -15.43 18.32 7.59
N MET A 68 -15.81 18.74 6.37
CA MET A 68 -15.59 17.94 5.14
C MET A 68 -14.08 17.75 4.95
N PHE A 69 -13.28 18.77 5.30
CA PHE A 69 -11.81 18.78 5.10
C PHE A 69 -11.14 18.29 6.36
N ILE A 70 -9.96 17.69 6.22
CA ILE A 70 -9.23 16.99 7.31
C ILE A 70 -7.78 17.43 7.27
N THR A 71 -7.09 17.20 8.38
CA THR A 71 -5.64 17.45 8.54
C THR A 71 -4.83 16.43 7.72
N ARG A 72 -3.59 16.79 7.43
CA ARG A 72 -2.52 15.90 6.92
C ARG A 72 -2.41 14.65 7.81
N GLU A 73 -2.37 14.81 9.14
CA GLU A 73 -2.24 13.68 10.08
C GLU A 73 -3.45 12.77 9.86
N GLU A 74 -4.66 13.33 9.87
CA GLU A 74 -5.89 12.50 9.70
C GLU A 74 -5.79 11.82 8.32
N ALA A 75 -5.40 12.56 7.27
CA ALA A 75 -5.27 11.99 5.91
C ALA A 75 -4.29 10.81 5.96
N ILE A 76 -3.15 10.97 6.64
CA ILE A 76 -2.13 9.89 6.70
C ILE A 76 -2.75 8.66 7.37
N ARG A 77 -3.52 8.81 8.44
CA ARG A 77 -4.14 7.64 9.09
C ARG A 77 -5.16 6.99 8.16
N HIS A 78 -5.60 7.67 7.10
CA HIS A 78 -6.72 7.18 6.23
C HIS A 78 -6.22 7.10 4.79
N VAL A 79 -4.93 6.79 4.61
CA VAL A 79 -4.27 6.65 3.28
C VAL A 79 -5.00 5.63 2.39
N ARG A 80 -5.56 4.56 2.97
CA ARG A 80 -6.23 3.50 2.19
C ARG A 80 -7.47 4.08 1.53
N ALA A 81 -8.01 5.16 2.10
CA ALA A 81 -9.22 5.85 1.58
C ALA A 81 -8.88 6.85 0.46
N TRP A 82 -7.60 7.08 0.10
CA TRP A 82 -7.25 8.20 -0.83
C TRP A 82 -7.69 7.89 -2.26
N ILE A 83 -8.44 8.82 -2.84
CA ILE A 83 -8.83 8.85 -4.28
C ILE A 83 -8.51 10.26 -4.79
N GLY A 84 -7.47 10.40 -5.56
CA GLY A 84 -7.21 11.69 -6.21
C GLY A 84 -8.42 12.03 -7.02
N PHE A 85 -8.74 13.31 -7.12
CA PHE A 85 -9.95 13.79 -7.84
C PHE A 85 -9.64 15.16 -8.45
N ASP A 86 -10.05 15.34 -9.70
CA ASP A 86 -9.77 16.52 -10.52
C ASP A 86 -10.90 16.70 -11.50
N VAL A 87 -11.29 17.94 -11.73
CA VAL A 87 -12.36 18.30 -12.68
C VAL A 87 -11.75 19.35 -13.61
N GLU A 88 -12.08 19.25 -14.89
CA GLU A 88 -11.56 20.17 -15.95
C GLU A 88 -12.76 20.63 -16.78
N GLY A 89 -12.96 21.94 -16.92
CA GLY A 89 -13.90 22.57 -17.89
C GLY A 89 -13.61 22.05 -19.29
N CYS A 90 -14.57 21.34 -19.88
CA CYS A 90 -14.42 20.56 -21.14
C CYS A 90 -14.60 21.49 -22.35
N HIS A 91 -15.36 22.59 -22.16
CA HIS A 91 -15.56 23.68 -23.14
C HIS A 91 -15.32 25.03 -22.45
N GLY A 98 -18.75 24.80 -15.39
CA GLY A 98 -19.60 25.87 -14.81
C GLY A 98 -20.91 26.02 -15.55
N THR A 99 -21.96 25.30 -15.10
CA THR A 99 -23.40 25.40 -15.50
C THR A 99 -23.59 25.44 -17.02
N ASN A 100 -22.85 26.32 -17.71
CA ASN A 100 -22.89 26.49 -19.19
C ASN A 100 -22.32 25.23 -19.84
N LEU A 101 -21.16 24.74 -19.38
CA LEU A 101 -20.30 23.80 -20.16
C LEU A 101 -20.25 22.40 -19.54
N PRO A 102 -19.87 21.39 -20.35
CA PRO A 102 -19.58 20.05 -19.84
C PRO A 102 -18.31 19.99 -18.98
N LEU A 103 -18.28 19.15 -17.96
CA LEU A 103 -17.14 18.95 -17.04
C LEU A 103 -16.58 17.53 -17.22
N GLN A 104 -15.26 17.40 -17.22
CA GLN A 104 -14.56 16.09 -17.20
C GLN A 104 -14.19 15.78 -15.74
N LEU A 105 -14.70 14.69 -15.18
CA LEU A 105 -14.39 14.24 -13.79
C LEU A 105 -13.31 13.16 -13.90
N GLY A 106 -12.25 13.26 -13.13
CA GLY A 106 -11.13 12.31 -13.25
C GLY A 106 -10.81 11.78 -11.89
N PHE A 107 -10.75 10.46 -11.74
CA PHE A 107 -10.36 9.86 -10.45
C PHE A 107 -9.03 9.12 -10.64
N SER A 108 -8.29 8.92 -9.56
CA SER A 108 -6.99 8.22 -9.58
C SER A 108 -7.21 6.72 -9.87
N THR A 109 -8.44 6.28 -10.11
CA THR A 109 -8.70 4.93 -10.64
C THR A 109 -8.45 4.89 -12.15
N GLY A 110 -8.10 6.01 -12.79
CA GLY A 110 -7.95 6.10 -14.25
C GLY A 110 -9.24 6.37 -14.98
N VAL A 111 -10.33 6.51 -14.24
CA VAL A 111 -11.67 6.81 -14.82
C VAL A 111 -11.84 8.30 -15.08
N ASN A 112 -12.28 8.64 -16.30
CA ASN A 112 -12.80 9.97 -16.65
C ASN A 112 -14.28 9.86 -17.01
N LEU A 113 -15.17 10.58 -16.31
CA LEU A 113 -16.60 10.74 -16.66
C LEU A 113 -16.88 12.15 -17.14
N VAL A 114 -17.68 12.32 -18.18
CA VAL A 114 -18.15 13.66 -18.60
C VAL A 114 -19.60 13.86 -18.14
N ALA A 115 -19.80 14.84 -17.26
CA ALA A 115 -21.11 15.38 -16.82
C ALA A 115 -21.51 16.53 -17.72
N VAL A 116 -22.78 16.56 -18.16
CA VAL A 116 -23.43 17.70 -18.86
C VAL A 116 -24.55 18.21 -17.97
N PRO A 117 -24.83 19.53 -18.00
CA PRO A 117 -25.87 20.09 -17.15
C PRO A 117 -27.26 19.91 -17.79
N THR A 118 -27.34 19.54 -19.07
CA THR A 118 -28.61 19.31 -19.84
C THR A 118 -29.83 19.41 -18.91
N PRO A 147 -6.86 5.71 -17.81
CA PRO A 147 -7.00 6.12 -19.21
C PRO A 147 -8.45 6.16 -19.74
N LEU A 148 -9.41 5.51 -19.04
CA LEU A 148 -10.80 5.23 -19.52
C LEU A 148 -11.56 6.56 -19.70
N MET A 149 -12.08 6.80 -20.92
CA MET A 149 -12.70 8.07 -21.39
C MET A 149 -14.16 7.83 -21.80
N TYR A 150 -15.12 8.18 -20.94
CA TYR A 150 -16.59 7.97 -21.16
C TYR A 150 -17.23 9.23 -21.77
N LYS A 151 -18.28 9.05 -22.57
CA LYS A 151 -19.05 10.13 -23.27
C LYS A 151 -19.94 10.88 -22.26
N GLY A 152 -20.51 12.00 -22.70
CA GLY A 152 -21.18 13.01 -21.86
C GLY A 152 -22.58 12.57 -21.47
N LEU A 153 -22.91 12.69 -20.18
CA LEU A 153 -24.17 12.17 -19.58
C LEU A 153 -24.58 13.06 -18.41
N PRO A 154 -25.89 13.23 -18.14
CA PRO A 154 -26.33 14.04 -17.02
C PRO A 154 -25.85 13.53 -15.66
N TRP A 155 -25.88 14.41 -14.69
CA TRP A 155 -25.42 14.17 -13.31
C TRP A 155 -26.19 13.03 -12.65
N ASN A 156 -27.49 12.89 -12.93
CA ASN A 156 -28.36 11.88 -12.28
C ASN A 156 -27.83 10.47 -12.60
N VAL A 157 -27.23 10.25 -13.78
CA VAL A 157 -26.59 8.94 -14.08
C VAL A 157 -25.13 8.97 -13.61
N VAL A 158 -24.38 10.05 -13.88
CA VAL A 158 -22.96 10.19 -13.47
C VAL A 158 -22.85 9.89 -11.96
N ARG A 159 -23.80 10.34 -11.13
CA ARG A 159 -23.61 10.15 -9.67
C ARG A 159 -23.64 8.65 -9.33
N ILE A 160 -24.43 7.86 -10.06
CA ILE A 160 -24.58 6.36 -9.87
C ILE A 160 -23.23 5.68 -10.17
N LYS A 161 -22.62 6.01 -11.31
CA LYS A 161 -21.30 5.45 -11.69
C LYS A 161 -20.28 5.78 -10.61
N ILE A 162 -20.32 6.99 -10.04
CA ILE A 162 -19.35 7.47 -9.02
C ILE A 162 -19.48 6.57 -7.77
N VAL A 163 -20.71 6.33 -7.31
CA VAL A 163 -20.94 5.46 -6.12
C VAL A 163 -20.45 4.03 -6.43
N GLN A 164 -20.74 3.49 -7.61
CA GLN A 164 -20.37 2.08 -7.97
C GLN A 164 -18.83 1.97 -7.94
N MET A 165 -18.17 2.88 -8.65
CA MET A 165 -16.70 2.96 -8.77
C MET A 165 -16.02 3.07 -7.41
N LEU A 166 -16.45 3.99 -6.56
CA LEU A 166 -15.80 4.21 -5.24
C LEU A 166 -16.03 3.00 -4.33
N SER A 167 -17.22 2.41 -4.39
CA SER A 167 -17.60 1.23 -3.58
C SER A 167 -16.72 0.02 -3.94
N ASP A 168 -16.55 -0.25 -5.23
CA ASP A 168 -15.72 -1.39 -5.70
C ASP A 168 -14.27 -1.13 -5.33
N THR A 169 -13.79 0.11 -5.42
CA THR A 169 -12.37 0.42 -5.19
C THR A 169 -12.12 0.28 -3.69
N LEU A 170 -13.06 0.70 -2.86
CA LEU A 170 -12.76 0.99 -1.44
C LEU A 170 -13.30 -0.05 -0.47
N LYS A 171 -14.28 -0.88 -0.82
CA LYS A 171 -14.98 -1.73 0.19
C LYS A 171 -14.00 -2.64 0.96
N ASN A 172 -12.90 -3.07 0.36
CA ASN A 172 -11.90 -3.94 1.02
C ASN A 172 -10.70 -3.13 1.54
N LEU A 173 -10.70 -1.80 1.35
CA LEU A 173 -9.59 -0.92 1.78
C LEU A 173 -9.99 -0.18 3.05
N SER A 174 -11.17 0.42 3.11
CA SER A 174 -11.47 1.53 4.04
C SER A 174 -12.96 1.65 4.34
N ASP A 175 -13.27 2.28 5.47
CA ASP A 175 -14.64 2.71 5.87
C ASP A 175 -15.02 4.07 5.31
N ARG A 176 -14.15 4.75 4.54
CA ARG A 176 -14.45 6.13 4.03
C ARG A 176 -13.76 6.35 2.69
N VAL A 177 -13.99 7.52 2.12
CA VAL A 177 -13.24 8.10 0.96
C VAL A 177 -12.59 9.41 1.42
N VAL A 178 -11.35 9.66 0.97
CA VAL A 178 -10.64 10.96 1.11
C VAL A 178 -10.31 11.45 -0.30
N PHE A 179 -11.08 12.40 -0.83
CA PHE A 179 -10.77 12.98 -2.14
C PHE A 179 -9.49 13.83 -1.95
N VAL A 180 -8.46 13.49 -2.69
CA VAL A 180 -7.15 14.18 -2.64
C VAL A 180 -7.15 15.14 -3.83
N LEU A 181 -7.05 16.45 -3.52
CA LEU A 181 -7.26 17.55 -4.49
C LEU A 181 -5.98 18.39 -4.67
N TRP A 182 -5.86 18.91 -5.87
CA TRP A 182 -5.10 20.15 -6.20
C TRP A 182 -6.14 21.17 -6.68
N ALA A 183 -6.76 21.84 -5.71
CA ALA A 183 -8.06 22.51 -5.86
C ALA A 183 -7.88 23.74 -6.72
N HIS A 184 -8.64 23.85 -7.81
CA HIS A 184 -8.65 25.07 -8.64
C HIS A 184 -10.07 25.62 -8.82
N GLY A 185 -11.10 24.92 -8.31
CA GLY A 185 -12.47 25.44 -8.12
C GLY A 185 -13.57 24.53 -8.66
N PHE A 186 -13.50 24.14 -9.93
CA PHE A 186 -14.51 23.24 -10.55
C PHE A 186 -14.65 21.93 -9.75
N GLU A 187 -13.59 21.38 -9.18
CA GLU A 187 -13.75 20.12 -8.41
C GLU A 187 -14.62 20.45 -7.20
N LEU A 188 -14.31 21.49 -6.46
CA LEU A 188 -15.04 21.84 -5.21
C LEU A 188 -16.51 22.19 -5.52
N THR A 189 -16.76 22.94 -6.58
CA THR A 189 -18.16 23.33 -6.87
C THR A 189 -18.90 22.17 -7.55
N SER A 190 -18.24 21.10 -7.97
CA SER A 190 -18.99 19.98 -8.59
C SER A 190 -19.52 19.04 -7.50
N MET A 191 -19.07 19.18 -6.26
CA MET A 191 -19.34 18.15 -5.24
C MET A 191 -20.84 18.09 -4.92
N LYS A 192 -21.51 19.23 -4.94
CA LYS A 192 -22.94 19.32 -4.57
C LYS A 192 -23.76 18.38 -5.46
N TYR A 193 -23.24 18.00 -6.63
CA TYR A 193 -24.01 17.26 -7.65
C TYR A 193 -23.93 15.75 -7.39
N PHE A 194 -23.02 15.28 -6.53
CA PHE A 194 -22.91 13.84 -6.20
C PHE A 194 -22.62 13.61 -4.72
N VAL A 195 -22.66 14.63 -3.84
CA VAL A 195 -22.32 14.47 -2.40
C VAL A 195 -23.50 14.95 -1.56
N LYS A 196 -23.86 14.21 -0.52
CA LYS A 196 -24.79 14.63 0.55
C LYS A 196 -24.03 14.49 1.86
N ILE A 197 -24.22 15.41 2.79
CA ILE A 197 -23.56 15.36 4.12
C ILE A 197 -24.65 15.37 5.21
N GLY A 198 -24.29 15.08 6.43
CA GLY A 198 -25.25 15.07 7.53
C GLY A 198 -24.59 14.42 8.73
N PRO A 199 -25.36 13.94 9.70
CA PRO A 199 -24.74 13.27 10.83
C PRO A 199 -24.14 11.93 10.36
N GLU A 200 -23.12 11.49 11.07
CA GLU A 200 -22.57 10.13 10.91
C GLU A 200 -23.76 9.19 11.04
N ARG A 201 -23.80 8.16 10.20
CA ARG A 201 -24.88 7.13 10.18
C ARG A 201 -24.25 5.76 10.08
N THR A 202 -25.07 4.71 10.21
CA THR A 202 -24.62 3.32 9.96
C THR A 202 -25.37 2.79 8.75
N CYS A 203 -24.79 1.74 8.16
CA CYS A 203 -25.35 1.02 7.01
C CYS A 203 -26.75 0.54 7.40
N CYS A 204 -27.66 0.54 6.44
CA CYS A 204 -29.01 -0.05 6.61
C CYS A 204 -28.92 -1.59 6.71
N LEU A 205 -27.84 -2.23 6.27
CA LEU A 205 -27.69 -3.72 6.23
C LEU A 205 -26.51 -4.20 7.09
N CYS A 206 -25.79 -3.34 7.81
CA CYS A 206 -24.64 -3.75 8.67
C CYS A 206 -24.28 -2.62 9.64
N ASP A 207 -23.20 -2.82 10.39
CA ASP A 207 -22.77 -1.95 11.51
C ASP A 207 -21.65 -0.99 11.07
N ARG A 208 -21.21 -1.09 9.82
CA ARG A 208 -20.21 -0.19 9.20
C ARG A 208 -20.80 1.21 9.02
N ARG A 209 -20.00 2.24 9.21
CA ARG A 209 -20.45 3.64 9.00
C ARG A 209 -20.93 3.73 7.55
N ALA A 210 -21.86 4.65 7.31
CA ALA A 210 -22.48 4.91 5.99
C ALA A 210 -21.56 5.80 5.15
N THR A 211 -21.42 5.46 3.87
CA THR A 211 -20.58 6.14 2.87
C THR A 211 -21.43 6.55 1.67
N CYS A 212 -22.65 6.02 1.55
CA CYS A 212 -23.54 6.24 0.38
C CYS A 212 -24.96 6.52 0.85
N PHE A 213 -25.75 7.16 -0.01
CA PHE A 213 -27.18 7.46 0.22
C PHE A 213 -27.98 7.22 -1.07
N SER A 214 -29.18 6.65 -0.95
CA SER A 214 -30.07 6.48 -2.11
C SER A 214 -31.24 7.45 -1.96
N THR A 215 -31.53 8.27 -2.98
CA THR A 215 -32.74 9.10 -3.04
C THR A 215 -33.95 8.24 -3.41
N ALA A 216 -33.76 7.04 -3.96
CA ALA A 216 -34.88 6.11 -4.31
C ALA A 216 -35.51 5.54 -3.04
N SER A 217 -34.69 4.97 -2.18
CA SER A 217 -35.14 4.28 -0.96
C SER A 217 -35.04 5.20 0.26
N ASP A 218 -34.42 6.36 0.17
CA ASP A 218 -34.18 7.20 1.38
C ASP A 218 -33.42 6.42 2.47
N THR A 219 -32.35 5.70 2.13
CA THR A 219 -31.53 4.91 3.08
C THR A 219 -30.02 5.11 2.83
N TYR A 220 -29.24 4.58 3.76
CA TYR A 220 -27.77 4.75 3.86
C TYR A 220 -27.11 3.37 3.78
N ALA A 221 -25.99 3.26 3.07
CA ALA A 221 -25.21 2.00 3.03
C ALA A 221 -23.73 2.31 3.16
N CYS A 222 -22.95 1.32 3.61
CA CYS A 222 -21.47 1.29 3.48
C CYS A 222 -21.10 0.93 2.03
N TRP A 223 -19.80 0.77 1.74
CA TRP A 223 -19.26 0.45 0.39
C TRP A 223 -19.73 -0.94 -0.04
N HIS A 224 -19.83 -1.87 0.92
CA HIS A 224 -20.26 -3.27 0.66
C HIS A 224 -21.71 -3.35 0.18
N HIS A 225 -22.61 -2.47 0.63
CA HIS A 225 -24.07 -2.66 0.50
C HIS A 225 -24.71 -1.59 -0.37
N SER A 226 -23.94 -0.94 -1.23
CA SER A 226 -24.25 0.37 -1.83
C SER A 226 -24.90 0.22 -3.22
N ILE A 227 -25.14 -1.01 -3.67
CA ILE A 227 -25.49 -1.26 -5.11
C ILE A 227 -26.76 -0.47 -5.43
N GLY A 228 -26.79 0.29 -6.53
CA GLY A 228 -27.97 1.12 -6.88
C GLY A 228 -28.10 2.42 -6.09
N PHE A 229 -27.20 2.75 -5.15
CA PHE A 229 -27.22 4.07 -4.41
C PHE A 229 -26.63 5.16 -5.30
N ASP A 230 -27.05 6.42 -5.11
CA ASP A 230 -26.81 7.52 -6.09
C ASP A 230 -26.00 8.69 -5.50
N TYR A 231 -25.76 8.73 -4.20
CA TYR A 231 -24.99 9.84 -3.58
C TYR A 231 -23.90 9.31 -2.66
N VAL A 232 -22.73 9.93 -2.76
CA VAL A 232 -21.62 9.79 -1.78
C VAL A 232 -22.04 10.53 -0.53
N TYR A 233 -21.88 9.90 0.62
CA TYR A 233 -22.34 10.42 1.91
C TYR A 233 -21.17 10.62 2.85
N ASN A 234 -21.01 11.86 3.36
CA ASN A 234 -19.98 12.25 4.35
C ASN A 234 -18.59 11.86 3.84
N PRO A 235 -18.25 12.25 2.60
CA PRO A 235 -16.89 12.10 2.10
C PRO A 235 -15.97 12.99 2.92
N PHE A 236 -14.66 12.72 2.88
CA PHE A 236 -13.59 13.63 3.35
C PHE A 236 -12.72 14.06 2.16
N MET A 237 -11.91 15.09 2.42
CA MET A 237 -11.15 15.73 1.33
C MET A 237 -10.03 16.56 1.95
N ILE A 238 -8.98 16.73 1.16
CA ILE A 238 -7.74 17.47 1.54
C ILE A 238 -7.26 18.16 0.26
N ASP A 239 -6.94 19.45 0.35
CA ASP A 239 -6.36 20.22 -0.79
C ASP A 239 -4.86 20.29 -0.55
N VAL A 240 -4.11 19.61 -1.43
CA VAL A 240 -2.63 19.41 -1.36
C VAL A 240 -1.99 20.81 -1.52
N GLN A 241 -2.60 21.65 -2.35
CA GLN A 241 -2.11 23.02 -2.63
C GLN A 241 -2.05 23.85 -1.33
N GLN A 242 -2.74 23.47 -0.25
CA GLN A 242 -2.68 24.18 1.06
C GLN A 242 -1.38 23.89 1.80
N TRP A 243 -0.50 23.08 1.24
CA TRP A 243 0.66 22.57 2.01
C TRP A 243 1.87 23.48 1.81
N GLY A 244 1.81 24.41 0.86
CA GLY A 244 2.88 25.39 0.63
C GLY A 244 3.79 24.87 -0.45
N PHE A 245 3.38 25.08 -1.70
CA PHE A 245 4.05 24.65 -2.93
C PHE A 245 4.15 25.88 -3.82
N THR A 246 5.19 25.90 -4.66
CA THR A 246 5.45 26.92 -5.70
C THR A 246 5.22 26.25 -7.04
N GLY A 247 4.45 26.91 -7.90
CA GLY A 247 4.22 26.44 -9.27
C GLY A 247 3.20 25.32 -9.27
N ASN A 248 2.87 24.83 -10.44
CA ASN A 248 1.69 23.98 -10.66
C ASN A 248 1.97 22.52 -10.24
N LEU A 249 0.97 21.67 -10.44
CA LEU A 249 0.94 20.24 -10.03
C LEU A 249 2.05 19.48 -10.77
N GLN A 250 2.03 19.55 -12.09
CA GLN A 250 2.98 18.80 -12.96
C GLN A 250 4.41 19.17 -12.58
N SER A 251 4.71 20.45 -12.39
CA SER A 251 6.09 20.90 -12.07
C SER A 251 6.48 20.27 -10.73
N ASN A 252 5.52 20.11 -9.82
CA ASN A 252 5.86 19.60 -8.47
C ASN A 252 5.93 18.06 -8.47
N HIS A 253 5.00 17.41 -9.17
CA HIS A 253 4.89 15.93 -9.26
C HIS A 253 6.17 15.39 -9.89
N ASP A 254 6.53 15.98 -11.04
CA ASP A 254 7.66 15.60 -11.92
C ASP A 254 9.01 15.78 -11.23
N LEU A 255 9.11 16.59 -10.19
CA LEU A 255 10.33 16.60 -9.34
C LEU A 255 10.64 15.17 -8.88
N TYR A 256 9.62 14.37 -8.59
CA TYR A 256 9.74 13.15 -7.75
C TYR A 256 9.44 11.87 -8.53
N CYS A 257 8.83 11.97 -9.70
CA CYS A 257 8.20 10.79 -10.32
C CYS A 257 8.19 10.93 -11.84
N GLN A 258 8.70 9.91 -12.54
CA GLN A 258 8.82 9.85 -14.02
C GLN A 258 7.81 8.83 -14.57
N VAL A 259 6.99 8.21 -13.73
CA VAL A 259 6.15 7.04 -14.13
C VAL A 259 4.77 7.52 -14.61
N HIS A 260 4.25 8.61 -14.06
CA HIS A 260 2.94 9.22 -14.44
C HIS A 260 3.15 10.41 -15.36
N GLY A 261 2.77 10.29 -16.62
CA GLY A 261 2.78 11.40 -17.59
C GLY A 261 1.55 12.27 -17.43
N ASN A 262 1.49 13.37 -18.18
CA ASN A 262 0.30 14.24 -18.24
C ASN A 262 -0.24 14.25 -19.66
N ALA A 263 -1.29 13.49 -19.92
CA ALA A 263 -2.02 13.50 -21.20
C ALA A 263 -2.96 14.71 -21.23
N HIS A 264 -2.91 15.61 -20.24
CA HIS A 264 -3.80 16.80 -20.13
C HIS A 264 -5.27 16.32 -20.05
N VAL A 265 -5.54 15.38 -19.15
CA VAL A 265 -6.91 14.84 -18.89
C VAL A 265 -7.06 14.63 -17.38
N ALA A 266 -8.30 14.74 -16.93
CA ALA A 266 -8.68 14.88 -15.51
C ALA A 266 -8.07 13.73 -14.71
N SER A 267 -8.11 12.51 -15.23
CA SER A 267 -7.63 11.31 -14.49
C SER A 267 -6.11 11.39 -14.30
N CYS A 268 -5.37 11.98 -15.24
CA CYS A 268 -3.89 12.15 -15.13
C CYS A 268 -3.55 13.09 -13.97
N ASP A 269 -4.25 14.23 -13.84
CA ASP A 269 -3.98 15.17 -12.71
C ASP A 269 -4.38 14.46 -11.41
N ALA A 270 -5.48 13.71 -11.42
CA ALA A 270 -5.98 12.99 -10.23
C ALA A 270 -4.88 12.05 -9.72
N ILE A 271 -4.28 11.31 -10.64
CA ILE A 271 -3.17 10.36 -10.32
C ILE A 271 -1.95 11.14 -9.80
N MET A 272 -1.54 12.20 -10.51
CA MET A 272 -0.37 13.04 -10.09
C MET A 272 -0.61 13.62 -8.67
N THR A 273 -1.85 14.04 -8.39
CA THR A 273 -2.20 14.72 -7.12
C THR A 273 -1.95 13.73 -5.99
N ARG A 274 -2.52 12.53 -6.13
CA ARG A 274 -2.35 11.42 -5.14
C ARG A 274 -0.87 11.03 -5.03
N CYS A 275 -0.17 10.93 -6.17
CA CYS A 275 1.26 10.54 -6.21
C CYS A 275 2.03 11.57 -5.36
N LEU A 276 1.89 12.86 -5.68
CA LEU A 276 2.63 13.93 -4.94
C LEU A 276 2.31 13.83 -3.44
N ALA A 277 1.05 13.63 -3.11
CA ALA A 277 0.61 13.48 -1.72
C ALA A 277 1.35 12.31 -1.08
N VAL A 278 1.39 11.15 -1.75
CA VAL A 278 2.05 9.95 -1.17
C VAL A 278 3.53 10.28 -1.02
N HIS A 279 4.10 10.99 -2.01
CA HIS A 279 5.54 11.39 -1.93
C HIS A 279 5.76 12.15 -0.63
N GLU A 280 4.89 13.12 -0.34
CA GLU A 280 5.06 14.08 0.78
C GLU A 280 4.86 13.39 2.13
N CYS A 281 3.95 12.42 2.18
CA CYS A 281 3.49 11.87 3.48
C CYS A 281 4.18 10.55 3.82
N PHE A 282 4.80 9.87 2.83
CA PHE A 282 5.31 8.48 3.01
C PHE A 282 6.74 8.27 2.49
N VAL A 283 7.21 9.07 1.52
CA VAL A 283 8.61 8.99 0.99
C VAL A 283 9.49 9.93 1.83
N LYS A 284 9.35 11.23 1.58
CA LYS A 284 10.17 12.29 2.23
C LYS A 284 9.89 12.23 3.74
N ARG A 285 8.63 12.16 4.15
CA ARG A 285 8.24 11.97 5.58
C ARG A 285 7.85 10.49 5.77
N VAL A 286 8.31 9.88 6.86
CA VAL A 286 8.05 8.46 7.24
C VAL A 286 7.68 8.47 8.73
N ASP A 287 6.59 7.79 9.09
CA ASP A 287 6.15 7.64 10.50
C ASP A 287 5.78 6.18 10.79
N TRP A 288 6.68 5.46 11.48
CA TRP A 288 6.49 4.03 11.86
C TRP A 288 5.88 3.94 13.26
N THR A 289 5.35 5.05 13.79
CA THR A 289 4.53 5.05 15.03
C THR A 289 3.05 4.86 14.66
N ILE A 290 2.66 5.15 13.41
CA ILE A 290 1.24 5.07 12.98
C ILE A 290 0.90 3.60 12.72
N GLU A 291 -0.03 3.06 13.50
CA GLU A 291 -0.67 1.74 13.28
C GLU A 291 -1.77 1.93 12.23
N TYR A 292 -2.14 0.87 11.53
CA TYR A 292 -3.24 0.82 10.54
C TYR A 292 -4.07 -0.43 10.83
N PRO A 293 -5.42 -0.39 10.70
CA PRO A 293 -6.26 -1.54 11.03
C PRO A 293 -5.97 -2.79 10.15
N ILE A 294 -6.32 -3.97 10.69
CA ILE A 294 -6.27 -5.29 9.98
C ILE A 294 -7.44 -5.30 8.99
N ILE A 295 -7.19 -5.50 7.69
CA ILE A 295 -8.27 -5.52 6.66
C ILE A 295 -8.20 -6.79 5.81
N GLY A 296 -7.22 -7.66 6.07
CA GLY A 296 -6.97 -8.85 5.25
C GLY A 296 -6.13 -9.86 6.01
N ASP A 297 -5.17 -10.49 5.33
CA ASP A 297 -4.40 -11.62 5.89
C ASP A 297 -3.12 -11.12 6.54
N GLU A 298 -3.08 -9.86 6.96
CA GLU A 298 -1.86 -9.26 7.54
C GLU A 298 -1.23 -10.28 8.47
N LEU A 299 -1.98 -10.88 9.38
CA LEU A 299 -1.36 -11.66 10.48
C LEU A 299 -0.77 -12.97 9.95
N LYS A 300 -1.45 -13.63 9.02
CA LYS A 300 -0.97 -14.90 8.43
C LYS A 300 0.32 -14.63 7.68
N ILE A 301 0.31 -13.61 6.82
CA ILE A 301 1.45 -13.16 5.97
C ILE A 301 2.66 -12.92 6.88
N ASN A 302 2.47 -12.28 8.03
CA ASN A 302 3.60 -11.86 8.91
C ASN A 302 4.19 -13.13 9.53
N ALA A 303 3.32 -14.05 9.92
CA ALA A 303 3.68 -15.36 10.52
C ALA A 303 4.44 -16.18 9.49
N ALA A 304 3.92 -16.23 8.28
CA ALA A 304 4.54 -16.94 7.14
C ALA A 304 5.97 -16.42 6.96
N CYS A 305 6.11 -15.10 6.95
CA CYS A 305 7.40 -14.39 6.73
C CYS A 305 8.37 -14.87 7.79
N ARG A 306 7.93 -14.93 9.05
CA ARG A 306 8.82 -15.39 10.14
C ARG A 306 9.20 -16.84 9.84
N LYS A 307 8.26 -17.68 9.38
CA LYS A 307 8.52 -19.13 9.27
C LYS A 307 9.43 -19.40 8.08
N VAL A 308 9.18 -18.78 6.93
CA VAL A 308 10.06 -18.92 5.73
C VAL A 308 11.47 -18.44 6.08
N GLN A 309 11.60 -17.29 6.72
CA GLN A 309 12.94 -16.71 6.99
C GLN A 309 13.77 -17.71 7.82
N HIS A 310 13.22 -18.24 8.90
CA HIS A 310 13.90 -19.23 9.78
C HIS A 310 14.32 -20.45 8.92
N MET A 311 13.38 -20.95 8.11
CA MET A 311 13.56 -22.16 7.26
C MET A 311 14.77 -21.95 6.35
N VAL A 312 14.75 -20.84 5.62
CA VAL A 312 15.66 -20.59 4.46
C VAL A 312 17.08 -20.37 5.00
N VAL A 313 17.19 -19.63 6.08
CA VAL A 313 18.49 -19.23 6.66
C VAL A 313 19.09 -20.45 7.37
N LYS A 314 18.25 -21.17 8.10
CA LYS A 314 18.64 -22.43 8.80
C LYS A 314 19.21 -23.42 7.79
N ALA A 315 18.58 -23.56 6.64
CA ALA A 315 19.00 -24.49 5.57
C ALA A 315 20.31 -24.02 4.97
N ALA A 316 20.43 -22.73 4.63
CA ALA A 316 21.65 -22.14 4.03
C ALA A 316 22.85 -22.39 4.96
N LEU A 317 22.64 -22.24 6.26
CA LEU A 317 23.77 -22.43 7.22
C LEU A 317 24.17 -23.91 7.23
N LEU A 318 23.22 -24.85 7.30
CA LEU A 318 23.44 -26.33 7.33
C LEU A 318 24.10 -26.75 6.02
N ALA A 319 23.57 -26.29 4.87
CA ALA A 319 24.06 -26.63 3.51
C ALA A 319 25.50 -26.12 3.28
N ASP A 320 25.81 -24.86 3.60
CA ASP A 320 27.10 -24.27 3.18
C ASP A 320 27.98 -23.91 4.38
N LYS A 321 27.45 -24.05 5.59
CA LYS A 321 28.23 -23.95 6.87
C LYS A 321 29.05 -22.65 6.94
N PHE A 322 28.51 -21.53 6.48
CA PHE A 322 29.16 -20.20 6.59
C PHE A 322 29.59 -19.95 8.03
N PRO A 323 30.82 -19.45 8.24
CA PRO A 323 31.27 -19.13 9.61
C PRO A 323 30.72 -17.80 10.15
N VAL A 324 30.18 -16.94 9.27
CA VAL A 324 29.67 -15.59 9.65
C VAL A 324 28.46 -15.22 8.77
N LEU A 325 27.38 -14.81 9.40
CA LEU A 325 26.22 -14.20 8.70
C LEU A 325 26.15 -12.70 9.01
N HIS A 326 26.13 -11.87 7.98
CA HIS A 326 25.95 -10.40 8.04
C HIS A 326 24.47 -10.07 7.85
N ASP A 327 23.79 -9.73 8.93
CA ASP A 327 22.32 -9.46 8.93
C ASP A 327 22.14 -7.96 8.73
N ILE A 328 21.71 -7.55 7.53
CA ILE A 328 21.71 -6.13 7.11
C ILE A 328 20.25 -5.68 6.99
N GLY A 329 19.80 -4.84 7.90
CA GLY A 329 18.46 -4.25 7.77
C GLY A 329 17.93 -3.83 9.12
N ASN A 330 16.65 -4.07 9.36
CA ASN A 330 15.95 -3.52 10.52
C ASN A 330 16.87 -3.49 11.74
N PRO A 331 17.05 -2.31 12.37
CA PRO A 331 17.83 -2.22 13.60
C PRO A 331 17.16 -2.93 14.79
N LYS A 332 15.89 -3.33 14.67
CA LYS A 332 15.19 -4.07 15.76
C LYS A 332 15.42 -5.58 15.61
N ALA A 333 16.02 -6.04 14.49
CA ALA A 333 16.03 -7.47 14.06
C ALA A 333 16.62 -8.38 15.15
N ILE A 334 16.07 -9.59 15.25
CA ILE A 334 16.55 -10.69 16.15
C ILE A 334 17.11 -11.79 15.24
N LYS A 335 18.06 -12.57 15.75
CA LYS A 335 18.55 -13.85 15.16
C LYS A 335 17.35 -14.73 14.79
N CYS A 336 17.12 -14.95 13.48
CA CYS A 336 15.95 -15.73 12.95
C CYS A 336 16.19 -17.23 13.12
N VAL A 337 17.47 -17.65 13.27
CA VAL A 337 17.94 -19.04 13.59
C VAL A 337 18.80 -19.01 14.85
N PRO A 338 18.18 -18.89 16.04
CA PRO A 338 18.96 -18.66 17.27
C PRO A 338 19.92 -19.79 17.68
N GLN A 339 19.71 -21.03 17.22
CA GLN A 339 20.51 -22.19 17.66
C GLN A 339 21.74 -22.35 16.75
N ALA A 340 21.78 -21.66 15.61
CA ALA A 340 22.79 -21.82 14.53
C ALA A 340 24.19 -21.52 15.06
N ASP A 341 25.21 -22.21 14.54
CA ASP A 341 26.58 -22.22 15.13
C ASP A 341 27.33 -20.90 14.85
N VAL A 342 26.88 -20.18 13.82
CA VAL A 342 27.56 -19.11 13.06
C VAL A 342 27.82 -17.85 13.91
N GLU A 343 28.77 -17.02 13.49
CA GLU A 343 28.97 -15.65 14.02
C GLU A 343 27.93 -14.71 13.39
N TRP A 344 26.94 -14.29 14.19
CA TRP A 344 25.82 -13.40 13.77
C TRP A 344 26.16 -11.93 14.02
N LYS A 345 26.26 -11.14 12.95
CA LYS A 345 26.75 -9.74 12.98
C LYS A 345 25.68 -8.87 12.32
N PHE A 346 25.15 -7.90 13.07
CA PHE A 346 24.03 -7.04 12.64
C PHE A 346 24.55 -5.69 12.16
N TYR A 347 23.87 -5.18 11.15
CA TYR A 347 24.08 -3.86 10.51
C TYR A 347 22.69 -3.22 10.40
N ASP A 348 22.56 -1.98 10.91
CA ASP A 348 21.28 -1.25 11.03
C ASP A 348 21.01 -0.50 9.73
N ALA A 349 19.87 -0.76 9.14
CA ALA A 349 19.36 0.06 8.03
C ALA A 349 17.83 0.06 8.11
N GLN A 350 17.28 1.26 8.19
CA GLN A 350 15.83 1.47 8.15
C GLN A 350 15.41 1.14 6.72
N PRO A 351 14.12 0.78 6.52
CA PRO A 351 13.57 0.54 5.20
C PRO A 351 13.68 1.77 4.30
N CYS A 352 14.43 1.68 3.20
CA CYS A 352 14.55 2.75 2.16
C CYS A 352 13.17 2.97 1.53
N SER A 353 12.58 4.12 1.81
CA SER A 353 11.23 4.49 1.35
C SER A 353 11.31 5.18 -0.03
N ASP A 354 12.50 5.59 -0.49
CA ASP A 354 12.62 6.47 -1.67
C ASP A 354 13.31 5.72 -2.81
N LYS A 355 14.64 5.77 -2.83
CA LYS A 355 15.52 5.03 -3.76
C LYS A 355 16.04 3.83 -2.96
N ALA A 356 16.28 2.71 -3.63
CA ALA A 356 16.98 1.54 -3.05
C ALA A 356 18.35 1.99 -2.57
N TYR A 357 18.79 1.51 -1.43
CA TYR A 357 20.17 1.66 -0.93
C TYR A 357 21.14 1.26 -2.03
N LYS A 358 22.25 2.00 -2.14
CA LYS A 358 23.41 1.64 -2.98
C LYS A 358 24.31 0.77 -2.12
N ILE A 359 24.61 -0.43 -2.60
CA ILE A 359 25.44 -1.40 -1.84
C ILE A 359 26.80 -0.74 -1.51
N GLU A 360 27.30 0.15 -2.39
CA GLU A 360 28.58 0.89 -2.19
C GLU A 360 28.52 1.63 -0.85
N GLU A 361 27.39 2.25 -0.54
CA GLU A 361 27.26 3.11 0.67
C GLU A 361 26.91 2.25 1.89
N LEU A 362 26.26 1.09 1.74
CA LEU A 362 26.02 0.22 2.93
C LEU A 362 27.36 -0.34 3.45
N PHE A 363 28.21 -0.82 2.54
CA PHE A 363 29.36 -1.72 2.83
C PHE A 363 30.66 -0.95 2.98
N TYR A 364 31.04 -0.26 1.90
CA TYR A 364 32.26 0.59 1.82
C TYR A 364 31.96 1.90 2.58
N SER A 365 32.84 2.90 2.40
CA SER A 365 33.15 3.92 3.44
C SER A 365 33.83 3.21 4.61
N TYR A 366 34.58 2.14 4.29
CA TYR A 366 35.35 1.28 5.21
C TYR A 366 34.37 0.44 6.04
N HIS A 369 32.35 -3.16 11.87
CA HIS A 369 31.86 -4.20 10.92
C HIS A 369 32.65 -5.50 11.12
N SER A 370 32.33 -6.54 10.34
CA SER A 370 33.32 -7.57 9.93
C SER A 370 34.10 -6.99 8.75
N ASP A 371 33.60 -5.87 8.19
CA ASP A 371 34.19 -5.12 7.03
C ASP A 371 34.12 -6.04 5.81
N LYS A 372 34.66 -7.26 5.94
CA LYS A 372 34.63 -8.37 4.95
C LYS A 372 33.22 -8.96 4.93
N PHE A 373 32.32 -8.34 4.17
CA PHE A 373 30.97 -8.85 3.80
C PHE A 373 31.08 -9.98 2.76
N THR A 374 32.26 -10.15 2.16
CA THR A 374 32.62 -11.22 1.19
C THR A 374 32.86 -12.54 1.93
N ASP A 375 33.27 -12.50 3.21
CA ASP A 375 33.28 -13.66 4.15
C ASP A 375 31.82 -14.04 4.44
N GLY A 376 31.53 -15.34 4.42
CA GLY A 376 30.25 -15.89 4.90
C GLY A 376 29.08 -15.48 4.02
N VAL A 377 27.95 -15.17 4.63
CA VAL A 377 26.73 -14.85 3.83
C VAL A 377 26.06 -13.57 4.36
N CYS A 378 25.51 -12.80 3.44
CA CYS A 378 24.74 -11.58 3.74
C CYS A 378 23.25 -11.91 3.64
N LEU A 379 22.52 -11.59 4.71
CA LEU A 379 21.05 -11.71 4.80
C LEU A 379 20.43 -10.32 4.64
N PHE A 380 19.76 -10.08 3.53
CA PHE A 380 18.95 -8.88 3.27
C PHE A 380 17.46 -9.23 3.37
N TRP A 381 16.89 -9.24 4.57
CA TRP A 381 15.43 -9.52 4.72
C TRP A 381 14.64 -8.21 4.66
N ASN A 382 14.09 -7.92 3.47
CA ASN A 382 13.39 -6.66 3.10
C ASN A 382 14.32 -5.47 3.33
N CYS A 383 15.59 -5.60 2.98
CA CYS A 383 16.56 -4.48 2.91
C CYS A 383 16.93 -4.24 1.44
N ASN A 384 16.17 -3.37 0.75
CA ASN A 384 16.13 -3.21 -0.72
C ASN A 384 17.38 -2.42 -1.16
N VAL A 385 18.31 -3.07 -1.86
CA VAL A 385 19.54 -2.45 -2.40
C VAL A 385 19.47 -2.55 -3.92
N ASP A 386 20.33 -1.81 -4.59
CA ASP A 386 20.39 -1.67 -6.08
C ASP A 386 20.85 -3.00 -6.73
N ARG A 387 21.75 -3.72 -6.05
CA ARG A 387 22.48 -4.90 -6.57
C ARG A 387 23.06 -5.66 -5.39
N TYR A 388 22.48 -6.84 -5.10
CA TYR A 388 22.92 -7.68 -3.95
C TYR A 388 24.25 -8.34 -4.35
N PRO A 389 25.17 -8.48 -3.39
CA PRO A 389 26.35 -9.28 -3.60
C PRO A 389 25.98 -10.76 -3.83
N ALA A 390 26.84 -11.52 -4.49
CA ALA A 390 26.63 -12.95 -4.83
C ALA A 390 26.43 -13.79 -3.57
N ASN A 391 27.06 -13.48 -2.42
CA ASN A 391 26.92 -14.30 -1.18
C ASN A 391 25.72 -13.84 -0.31
N SER A 392 24.55 -13.64 -0.92
CA SER A 392 23.33 -13.11 -0.24
C SER A 392 22.19 -14.12 -0.19
N ILE A 393 21.44 -14.09 0.92
CA ILE A 393 20.02 -14.58 1.04
C ILE A 393 19.15 -13.31 1.03
N VAL A 394 18.11 -13.24 0.20
CA VAL A 394 17.31 -12.01 0.01
C VAL A 394 15.81 -12.31 0.01
N CYS A 395 15.01 -11.56 0.77
CA CYS A 395 13.56 -11.35 0.59
C CYS A 395 13.35 -9.91 0.06
N ARG A 396 12.66 -9.74 -1.06
CA ARG A 396 12.50 -8.41 -1.67
C ARG A 396 11.06 -8.31 -2.13
N PHE A 397 10.35 -7.26 -1.71
CA PHE A 397 8.89 -7.09 -1.94
C PHE A 397 8.70 -6.67 -3.40
N ASP A 398 7.83 -7.34 -4.14
CA ASP A 398 7.56 -6.98 -5.54
C ASP A 398 6.40 -5.97 -5.54
N THR A 399 6.76 -4.72 -5.80
CA THR A 399 5.88 -3.53 -5.78
C THR A 399 4.77 -3.70 -6.82
N ARG A 400 4.94 -4.53 -7.86
CA ARG A 400 3.89 -4.67 -8.91
C ARG A 400 2.73 -5.55 -8.41
N VAL A 401 2.81 -6.20 -7.26
CA VAL A 401 1.72 -7.13 -6.84
C VAL A 401 0.42 -6.35 -6.66
N LEU A 402 -0.70 -6.90 -7.16
CA LEU A 402 -2.08 -6.47 -6.83
C LEU A 402 -2.54 -7.12 -5.52
N SER A 403 -2.68 -6.36 -4.44
CA SER A 403 -3.42 -6.78 -3.21
C SER A 403 -4.15 -5.59 -2.58
N ASN A 404 -4.94 -5.87 -1.56
CA ASN A 404 -5.61 -4.86 -0.71
C ASN A 404 -4.58 -4.23 0.23
N LEU A 405 -3.41 -4.84 0.41
CA LEU A 405 -2.39 -4.30 1.34
C LEU A 405 -1.48 -3.34 0.58
N ASN A 406 -1.32 -3.54 -0.74
CA ASN A 406 -0.34 -2.80 -1.59
C ASN A 406 -1.09 -1.71 -2.38
N LEU A 407 -0.85 -0.44 -2.05
CA LEU A 407 -1.44 0.72 -2.76
C LEU A 407 -0.41 1.28 -3.72
N PRO A 408 -0.87 1.83 -4.86
CA PRO A 408 -0.01 2.46 -5.84
C PRO A 408 0.81 3.57 -5.17
N GLY A 409 2.03 3.76 -5.63
CA GLY A 409 2.98 4.68 -4.98
C GLY A 409 3.64 5.59 -5.97
N CYS A 410 4.79 6.14 -5.57
N CYS A 410 4.79 6.13 -5.57
CA CYS A 410 5.53 7.23 -6.26
CA CYS A 410 5.52 7.19 -6.29
C CYS A 410 6.71 6.65 -7.07
C CYS A 410 6.70 6.60 -7.08
N ASP A 411 6.75 6.95 -8.36
CA ASP A 411 7.93 6.69 -9.22
C ASP A 411 8.13 5.17 -9.34
N GLY A 412 7.03 4.44 -9.55
CA GLY A 412 6.99 2.98 -9.74
C GLY A 412 6.99 2.20 -8.43
N GLY A 413 7.25 2.85 -7.31
CA GLY A 413 7.21 2.21 -5.98
C GLY A 413 5.77 1.99 -5.57
N SER A 414 5.57 1.36 -4.43
CA SER A 414 4.21 1.07 -3.94
C SER A 414 4.16 1.34 -2.43
N LEU A 415 2.95 1.56 -1.94
CA LEU A 415 2.72 1.79 -0.50
C LEU A 415 2.14 0.49 0.06
N TYR A 416 2.96 -0.26 0.78
CA TYR A 416 2.57 -1.56 1.37
C TYR A 416 2.09 -1.28 2.78
N VAL A 417 0.79 -1.39 3.02
CA VAL A 417 0.27 -1.07 4.38
C VAL A 417 -0.12 -2.40 5.06
N ASN A 418 0.62 -2.77 6.09
CA ASN A 418 0.43 -3.98 6.90
C ASN A 418 0.91 -3.63 8.31
N LYS A 419 -0.02 -3.32 9.22
CA LYS A 419 0.28 -2.73 10.55
C LYS A 419 0.88 -1.32 10.35
N HIS A 420 2.04 -1.19 9.72
CA HIS A 420 2.69 0.11 9.37
C HIS A 420 2.59 0.36 7.86
N ALA A 421 2.83 1.58 7.40
CA ALA A 421 2.92 1.91 5.96
C ALA A 421 4.39 2.02 5.57
N PHE A 422 4.78 1.27 4.53
CA PHE A 422 6.16 1.18 3.99
C PHE A 422 6.09 1.57 2.51
N HIS A 423 6.41 2.80 2.16
CA HIS A 423 6.60 3.12 0.72
C HIS A 423 7.83 2.34 0.28
N THR A 424 7.72 1.60 -0.82
CA THR A 424 8.75 0.59 -1.24
C THR A 424 9.17 0.99 -2.64
N PRO A 425 10.49 1.11 -2.89
CA PRO A 425 10.99 1.45 -4.21
C PRO A 425 10.66 0.39 -5.26
N ALA A 426 10.48 0.83 -6.51
CA ALA A 426 10.09 0.01 -7.66
C ALA A 426 10.96 -1.25 -7.66
N PHE A 427 10.30 -2.40 -7.80
CA PHE A 427 10.95 -3.70 -8.02
C PHE A 427 11.84 -3.64 -9.28
N ASP A 428 13.09 -4.08 -9.14
CA ASP A 428 14.10 -4.04 -10.21
C ASP A 428 14.75 -5.42 -10.33
N LYS A 429 14.51 -6.13 -11.45
CA LYS A 429 15.06 -7.50 -11.70
C LYS A 429 16.60 -7.48 -11.71
N SER A 430 17.21 -6.38 -12.18
CA SER A 430 18.68 -6.25 -12.33
C SER A 430 19.34 -6.30 -10.96
N ALA A 431 18.60 -6.10 -9.88
CA ALA A 431 19.19 -6.15 -8.51
C ALA A 431 19.68 -7.56 -8.20
N PHE A 432 19.13 -8.57 -8.87
CA PHE A 432 19.30 -10.00 -8.48
C PHE A 432 20.31 -10.71 -9.39
N VAL A 433 21.05 -9.99 -10.24
CA VAL A 433 21.90 -10.57 -11.31
C VAL A 433 22.91 -11.55 -10.73
N ASN A 434 23.42 -11.35 -9.52
CA ASN A 434 24.41 -12.28 -8.90
C ASN A 434 23.73 -13.43 -8.16
N LEU A 435 22.40 -13.53 -8.23
CA LEU A 435 21.64 -14.52 -7.43
C LEU A 435 20.74 -15.32 -8.38
N LYS A 436 20.04 -16.31 -7.83
CA LYS A 436 18.94 -17.05 -8.51
C LYS A 436 17.69 -17.04 -7.61
N GLN A 437 16.55 -17.33 -8.20
CA GLN A 437 15.30 -17.47 -7.44
C GLN A 437 15.49 -18.64 -6.48
N LEU A 438 15.01 -18.55 -5.25
CA LEU A 438 15.11 -19.63 -4.25
C LEU A 438 13.96 -20.59 -4.50
N PRO A 439 14.23 -21.88 -4.82
CA PRO A 439 13.15 -22.81 -5.10
C PRO A 439 12.45 -23.14 -3.76
N PHE A 440 11.15 -23.46 -3.81
CA PHE A 440 10.41 -24.00 -2.65
C PHE A 440 11.11 -25.28 -2.16
N PHE A 441 11.20 -25.42 -0.84
CA PHE A 441 11.59 -26.68 -0.17
C PHE A 441 11.13 -26.56 1.28
N TYR A 442 10.98 -27.71 1.93
CA TYR A 442 10.71 -27.84 3.37
C TYR A 442 11.83 -28.70 3.95
N TYR A 443 12.41 -28.29 5.06
CA TYR A 443 13.50 -29.03 5.75
C TYR A 443 13.11 -29.13 7.21
N SER A 444 13.15 -30.34 7.77
CA SER A 444 13.07 -30.55 9.23
C SER A 444 14.02 -31.67 9.66
N ASP A 445 14.70 -31.43 10.76
CA ASP A 445 15.53 -32.38 11.52
C ASP A 445 14.76 -32.77 12.78
N SER A 446 13.51 -32.34 12.93
CA SER A 446 12.68 -32.69 14.11
C SER A 446 12.39 -34.18 14.06
N PRO A 447 12.19 -34.85 15.23
CA PRO A 447 11.91 -36.28 15.25
C PRO A 447 10.53 -36.57 14.61
N CYS A 448 10.44 -37.69 13.91
CA CYS A 448 9.18 -38.20 13.31
C CYS A 448 8.34 -38.74 14.48
N GLU A 449 7.30 -38.02 14.87
CA GLU A 449 6.46 -38.38 16.04
C GLU A 449 5.23 -37.48 16.06
N SER A 450 4.04 -38.10 16.00
CA SER A 450 2.73 -37.51 15.63
C SER A 450 2.25 -36.55 16.71
N HIS A 451 1.90 -37.07 17.89
CA HIS A 451 1.44 -36.27 19.07
C HIS A 451 0.07 -35.62 18.80
N GLY A 452 -0.89 -35.84 19.70
CA GLY A 452 -2.16 -35.10 19.75
C GLY A 452 -3.35 -36.02 19.62
N ILE A 459 -7.08 -33.20 12.09
CA ILE A 459 -6.14 -33.10 10.93
C ILE A 459 -6.03 -34.47 10.26
N ASP A 460 -6.95 -34.84 9.35
CA ASP A 460 -7.00 -36.15 8.64
C ASP A 460 -6.00 -36.17 7.46
N TYR A 461 -5.56 -37.38 7.05
CA TYR A 461 -4.30 -37.68 6.31
C TYR A 461 -4.58 -38.29 4.93
N VAL A 462 -3.76 -37.90 3.95
CA VAL A 462 -3.39 -38.70 2.74
C VAL A 462 -1.87 -38.80 2.76
N PRO A 463 -1.24 -39.97 2.44
CA PRO A 463 0.22 -40.06 2.54
C PRO A 463 0.83 -39.04 1.58
N LEU A 464 1.81 -38.26 2.07
CA LEU A 464 2.45 -37.21 1.24
C LEU A 464 3.57 -37.83 0.43
N LYS A 465 3.62 -37.53 -0.85
CA LYS A 465 4.81 -37.81 -1.69
C LYS A 465 5.32 -36.48 -2.23
N SER A 466 6.56 -36.09 -1.88
CA SER A 466 7.20 -34.89 -2.45
C SER A 466 8.70 -35.05 -2.48
N ALA A 467 9.33 -34.62 -3.57
CA ALA A 467 10.79 -34.51 -3.73
C ALA A 467 11.37 -33.39 -2.82
N THR A 468 10.55 -32.43 -2.39
CA THR A 468 11.01 -31.20 -1.66
C THR A 468 10.70 -31.31 -0.16
N CYS A 469 10.27 -32.47 0.32
CA CYS A 469 10.08 -32.73 1.77
C CYS A 469 11.38 -33.34 2.25
N ILE A 470 12.28 -32.51 2.76
CA ILE A 470 13.63 -32.95 3.16
C ILE A 470 13.64 -33.31 4.63
N THR A 471 13.41 -34.59 4.90
CA THR A 471 13.30 -35.18 6.26
C THR A 471 13.97 -36.56 6.26
N ARG A 472 14.33 -37.05 7.46
CA ARG A 472 14.80 -38.43 7.70
C ARG A 472 13.81 -39.40 7.06
N CYS A 473 12.51 -39.24 7.38
CA CYS A 473 11.43 -40.14 6.88
C CYS A 473 11.46 -40.18 5.35
N ASN A 474 11.60 -39.06 4.66
CA ASN A 474 11.57 -39.08 3.18
C ASN A 474 12.84 -39.74 2.67
N LEU A 475 13.96 -39.52 3.38
CA LEU A 475 15.26 -40.17 3.06
C LEU A 475 15.04 -41.69 3.10
N GLY A 476 14.37 -42.15 4.17
CA GLY A 476 13.96 -43.54 4.41
C GLY A 476 12.88 -44.04 3.47
N GLY A 477 12.39 -43.24 2.50
CA GLY A 477 11.43 -43.68 1.47
C GLY A 477 9.95 -43.42 1.78
N ALA A 478 9.55 -43.12 3.02
CA ALA A 478 8.13 -42.92 3.44
C ALA A 478 7.96 -41.78 4.46
N VAL A 479 7.32 -40.67 4.08
CA VAL A 479 7.14 -39.45 4.92
C VAL A 479 6.19 -39.76 6.09
N CYS A 480 6.63 -39.59 7.35
CA CYS A 480 5.80 -39.77 8.56
C CYS A 480 4.68 -38.73 8.61
N ARG A 481 3.62 -38.97 9.39
CA ARG A 481 2.39 -38.13 9.38
C ARG A 481 2.74 -36.72 9.86
N HIS A 482 3.49 -36.61 10.96
CA HIS A 482 3.97 -35.33 11.53
C HIS A 482 4.66 -34.46 10.45
N HIS A 483 5.66 -34.99 9.76
CA HIS A 483 6.39 -34.20 8.74
C HIS A 483 5.45 -33.86 7.58
N ALA A 484 4.39 -34.63 7.36
CA ALA A 484 3.47 -34.35 6.24
C ALA A 484 2.51 -33.20 6.61
N ASN A 485 2.11 -33.10 7.88
CA ASN A 485 1.25 -32.00 8.40
C ASN A 485 2.06 -30.72 8.29
N GLU A 486 3.25 -30.76 8.87
CA GLU A 486 4.25 -29.66 8.88
C GLU A 486 4.56 -29.27 7.45
N TYR A 487 4.68 -30.22 6.54
CA TYR A 487 5.09 -29.89 5.15
C TYR A 487 3.97 -29.05 4.56
N ARG A 488 2.74 -29.49 4.79
CA ARG A 488 1.56 -28.90 4.09
C ARG A 488 1.28 -27.52 4.68
N LEU A 489 1.50 -27.35 5.97
CA LEU A 489 1.37 -26.08 6.70
C LEU A 489 2.41 -25.09 6.18
N TYR A 490 3.68 -25.50 6.10
CA TYR A 490 4.77 -24.64 5.61
C TYR A 490 4.49 -24.26 4.16
N LEU A 491 4.00 -25.19 3.36
CA LEU A 491 3.74 -24.87 1.94
C LEU A 491 2.62 -23.81 1.87
N ASP A 492 1.66 -23.86 2.79
CA ASP A 492 0.52 -22.90 2.77
C ASP A 492 1.04 -21.50 3.14
N ALA A 493 1.76 -21.39 4.26
CA ALA A 493 2.48 -20.18 4.68
C ALA A 493 3.30 -19.64 3.48
N TYR A 494 4.13 -20.47 2.89
CA TYR A 494 5.00 -20.08 1.77
C TYR A 494 4.19 -19.45 0.64
N ASN A 495 3.08 -20.10 0.25
CA ASN A 495 2.24 -19.64 -0.87
C ASN A 495 1.59 -18.30 -0.51
N MET A 496 1.29 -18.09 0.77
CA MET A 496 0.62 -16.89 1.30
C MET A 496 1.56 -15.71 1.01
N MET A 497 2.80 -15.87 1.47
CA MET A 497 3.84 -14.83 1.44
C MET A 497 4.14 -14.46 -0.01
N ILE A 498 4.20 -15.46 -0.87
CA ILE A 498 4.56 -15.26 -2.29
C ILE A 498 3.45 -14.45 -2.93
N SER A 499 2.23 -14.90 -2.77
CA SER A 499 1.06 -14.23 -3.38
C SER A 499 0.90 -12.84 -2.76
N ALA A 500 1.36 -12.60 -1.53
CA ALA A 500 1.34 -11.27 -0.88
C ALA A 500 2.38 -10.34 -1.53
N GLY A 501 3.29 -10.89 -2.34
CA GLY A 501 4.17 -10.18 -3.29
C GLY A 501 5.66 -10.29 -2.94
N PHE A 502 6.03 -11.00 -1.88
CA PHE A 502 7.45 -11.21 -1.55
C PHE A 502 8.11 -12.18 -2.53
N SER A 503 9.39 -11.94 -2.84
CA SER A 503 10.18 -12.82 -3.74
C SER A 503 11.47 -13.14 -3.03
N LEU A 504 11.95 -14.38 -3.19
CA LEU A 504 13.13 -14.96 -2.49
C LEU A 504 14.21 -15.29 -3.51
N TRP A 505 15.44 -14.92 -3.20
CA TRP A 505 16.62 -15.02 -4.08
C TRP A 505 17.75 -15.57 -3.21
N VAL A 506 18.70 -16.30 -3.79
CA VAL A 506 19.80 -16.92 -3.00
C VAL A 506 21.04 -17.05 -3.88
N TYR A 507 22.19 -17.19 -3.23
CA TYR A 507 23.49 -17.39 -3.91
C TYR A 507 23.35 -18.59 -4.84
N LYS A 508 24.03 -18.56 -5.98
CA LYS A 508 23.88 -19.58 -7.06
C LYS A 508 24.29 -20.98 -6.57
N GLN A 509 25.25 -21.11 -5.67
CA GLN A 509 25.77 -22.42 -5.20
C GLN A 509 24.72 -23.13 -4.36
N PHE A 510 23.66 -22.45 -3.93
CA PHE A 510 22.72 -23.07 -2.96
C PHE A 510 22.03 -24.27 -3.62
N ASP A 511 22.04 -25.40 -2.93
CA ASP A 511 21.57 -26.71 -3.48
C ASP A 511 20.96 -27.49 -2.34
N THR A 512 19.66 -27.81 -2.40
CA THR A 512 19.00 -28.56 -1.28
C THR A 512 19.55 -29.98 -1.16
N TYR A 513 20.33 -30.44 -2.15
CA TYR A 513 20.93 -31.79 -2.15
C TYR A 513 21.90 -31.87 -0.98
N ASN A 514 22.49 -30.75 -0.58
CA ASN A 514 23.51 -30.72 0.49
C ASN A 514 22.82 -30.94 1.83
N LEU A 515 21.49 -30.84 1.90
CA LEU A 515 20.80 -30.97 3.22
C LEU A 515 20.65 -32.44 3.64
N TRP A 516 20.59 -33.38 2.69
CA TRP A 516 20.27 -34.81 3.02
C TRP A 516 21.33 -35.39 3.98
N ASN A 517 22.59 -34.95 3.93
CA ASN A 517 23.70 -35.52 4.74
C ASN A 517 23.75 -34.86 6.12
N THR A 518 22.79 -34.02 6.49
CA THR A 518 22.61 -33.49 7.88
C THR A 518 21.77 -34.47 8.69
N PHE A 519 21.27 -35.53 8.05
CA PHE A 519 20.88 -36.82 8.67
C PHE A 519 21.81 -37.93 8.13
N THR A 520 22.37 -38.75 9.02
CA THR A 520 23.16 -39.98 8.70
C THR A 520 23.07 -40.93 9.91
ZN ZN B . 3.70 10.03 -9.97
ZN ZN C . 9.25 -37.72 9.63
ZN ZN D . -23.24 -2.35 5.08
P PO4 E . -8.90 3.48 6.98
O1 PO4 E . -7.63 2.62 7.05
O2 PO4 E . -10.17 2.60 7.00
O3 PO4 E . -8.95 4.39 8.19
O4 PO4 E . -8.89 4.30 5.70
P PO4 F . 9.16 -29.13 12.37
O1 PO4 F . 8.98 -30.58 11.96
O2 PO4 F . 10.65 -28.77 12.39
O3 PO4 F . 8.44 -28.22 11.36
O4 PO4 F . 8.55 -28.98 13.79
N12 WKA G . 10.26 -3.25 4.52
C13 WKA G . 9.19 -3.81 3.98
C01 WKA G . 7.81 -6.00 8.03
C02 WKA G . 7.25 -5.36 6.78
C05 WKA G . 8.16 -4.56 4.59
C06 WKA G . 7.14 -5.01 3.77
C07 WKA G . 7.12 -4.73 2.39
C08 WKA G . 8.12 -4.01 1.77
C09 WKA G . 9.18 -3.54 2.59
N04 WKA G . 8.19 -4.79 5.98
N10 WKA G . 10.25 -2.85 2.25
O03 WKA G . 6.02 -5.34 6.53
O11 WKA G . 10.92 -2.66 3.45
#